data_8VWK
#
_entry.id   8VWK
#
_cell.length_a   88.722
_cell.length_b   88.722
_cell.length_c   117.975
_cell.angle_alpha   90.000
_cell.angle_beta   90.000
_cell.angle_gamma   120.000
#
_symmetry.space_group_name_H-M   'P 31 2 1'
#
loop_
_entity.id
_entity.type
_entity.pdbx_description
1 polymer 'Cytochrome P450'
2 non-polymer 'MYRISTIC ACID'
3 non-polymer 'PROTOPORPHYRIN IX CONTAINING FE'
4 non-polymer GLYCEROL
5 non-polymer DI(HYDROXYETHYL)ETHER
6 water water
#
_entity_poly.entity_id   1
_entity_poly.type   'polypeptide(L)'
_entity_poly.pdbx_seq_one_letter_code
;MGSSHHHHHHSSGLVPRGSHMMTSTAGRTRPDQVLSFLRSGYLFASRVRRRTGVSPESGAPVSMNLLGKRSVLVRGEEGV
DLFYDTSRMKRHGAMPLFIRGPLFGSGAVHALDGDAHAARKNQMADMAYEDERVAQYKPFVAEELEMLIREWTSPGNVYD
GTALAFGRASFRWAGIPWSRQEMDRQARRMSRLLDTFGRPATHPISWFERFRLDRTFTQLIHGVRSGTVAADPDSVLAHM
ARLVDENGGLVDEKTAAVELQNLTRPNVAVARFAAFAGAALVEHPEWAARIHEASQARGGSLLDIPEAVAFAQEVRRVYP
FVPMLPAEATADTEIKGCPIHKGQRVLIDILGTNNDPASWERAGTFDPERFMGVDDAEAIRTFIPQGGAEVRTGHRCPGE
KIAVTSLSAAVVALARPNVELGTDPDDLTFSWTHMLTRPATGMRVRTAH
;
_entity_poly.pdbx_strand_id   A
#
loop_
_chem_comp.id
_chem_comp.type
_chem_comp.name
_chem_comp.formula
GOL non-polymer GLYCEROL 'C3 H8 O3'
HEM non-polymer 'PROTOPORPHYRIN IX CONTAINING FE' 'C34 H32 Fe N4 O4'
MYR non-polymer 'MYRISTIC ACID' 'C14 H28 O2'
PEG non-polymer DI(HYDROXYETHYL)ETHER 'C4 H10 O3'
#
# COMPACT_ATOMS: atom_id res chain seq x y z
N SER A 19 -27.26 4.63 -11.20
CA SER A 19 -27.29 3.19 -11.44
C SER A 19 -28.55 2.53 -10.86
N HIS A 20 -28.91 1.38 -11.39
CA HIS A 20 -30.13 0.69 -10.99
C HIS A 20 -29.87 -0.82 -10.89
N MET A 21 -30.23 -1.40 -9.76
CA MET A 21 -30.19 -2.84 -9.55
C MET A 21 -31.59 -3.41 -9.66
N MET A 22 -31.74 -4.46 -10.48
CA MET A 22 -33.01 -5.17 -10.60
C MET A 22 -33.01 -6.42 -9.71
N THR A 23 -32.57 -6.23 -8.46
CA THR A 23 -32.32 -7.35 -7.57
C THR A 23 -33.60 -7.84 -6.88
N SER A 24 -34.52 -6.94 -6.57
CA SER A 24 -35.76 -7.33 -5.89
C SER A 24 -36.85 -6.34 -6.28
N THR A 25 -37.97 -6.40 -5.57
CA THR A 25 -39.09 -5.49 -5.85
C THR A 25 -38.72 -4.06 -5.48
N ALA A 26 -39.52 -3.12 -5.99
CA ALA A 26 -39.25 -1.71 -5.75
C ALA A 26 -39.46 -1.35 -4.29
N GLY A 27 -40.43 -1.97 -3.64
CA GLY A 27 -40.70 -1.66 -2.24
C GLY A 27 -39.58 -2.12 -1.32
N ARG A 28 -39.04 -3.31 -1.57
CA ARG A 28 -37.94 -3.83 -0.76
C ARG A 28 -36.68 -3.01 -1.01
N THR A 29 -36.06 -2.54 0.07
CA THR A 29 -34.85 -1.74 -0.05
C THR A 29 -33.74 -2.55 -0.72
N ARG A 30 -32.92 -1.87 -1.51
CA ARG A 30 -31.81 -2.54 -2.18
C ARG A 30 -30.86 -3.12 -1.13
N PRO A 31 -30.33 -4.32 -1.35
CA PRO A 31 -29.56 -4.99 -0.31
C PRO A 31 -28.21 -4.32 -0.06
N ASP A 32 -27.80 -4.32 1.20
CA ASP A 32 -26.47 -3.83 1.54
C ASP A 32 -25.42 -4.79 0.95
N GLN A 33 -24.30 -4.23 0.53
CA GLN A 33 -23.30 -5.00 -0.21
C GLN A 33 -22.17 -5.52 0.68
N VAL A 34 -22.29 -5.37 2.00
CA VAL A 34 -21.17 -5.70 2.89
C VAL A 34 -20.75 -7.16 2.74
N LEU A 35 -21.72 -8.08 2.72
CA LEU A 35 -21.38 -9.49 2.59
C LEU A 35 -20.91 -9.85 1.19
N SER A 36 -21.47 -9.19 0.16
CA SER A 36 -20.95 -9.40 -1.19
C SER A 36 -19.50 -8.95 -1.29
N PHE A 37 -19.18 -7.80 -0.70
CA PHE A 37 -17.80 -7.31 -0.71
C PHE A 37 -16.84 -8.31 -0.07
N LEU A 38 -17.22 -8.87 1.08
CA LEU A 38 -16.31 -9.78 1.76
C LEU A 38 -16.18 -11.12 1.03
N ARG A 39 -17.26 -11.61 0.41
CA ARG A 39 -17.17 -12.91 -0.27
C ARG A 39 -16.44 -12.80 -1.60
N SER A 40 -16.46 -11.63 -2.25
CA SER A 40 -15.87 -11.52 -3.57
C SER A 40 -14.51 -10.84 -3.58
N GLY A 41 -14.14 -10.14 -2.51
CA GLY A 41 -12.81 -9.56 -2.44
C GLY A 41 -12.56 -8.59 -3.59
N TYR A 42 -11.45 -8.80 -4.30
CA TYR A 42 -11.08 -7.86 -5.35
C TYR A 42 -11.98 -7.96 -6.58
N LEU A 43 -12.87 -8.95 -6.64
CA LEU A 43 -13.86 -9.06 -7.71
C LEU A 43 -15.11 -8.24 -7.42
N PHE A 44 -15.20 -7.61 -6.26
CA PHE A 44 -16.45 -6.94 -5.88
C PHE A 44 -16.83 -5.84 -6.85
N ALA A 45 -15.85 -5.05 -7.31
CA ALA A 45 -16.18 -3.92 -8.18
C ALA A 45 -16.77 -4.41 -9.50
N SER A 46 -16.21 -5.49 -10.06
CA SER A 46 -16.75 -6.02 -11.31
C SER A 46 -18.10 -6.69 -11.09
N ARG A 47 -18.37 -7.19 -9.87
CA ARG A 47 -19.66 -7.83 -9.60
C ARG A 47 -20.76 -6.80 -9.40
N VAL A 48 -20.47 -5.72 -8.65
CA VAL A 48 -21.46 -4.69 -8.44
C VAL A 48 -21.73 -3.91 -9.72
N ARG A 49 -20.81 -3.97 -10.69
CA ARG A 49 -21.05 -3.32 -11.97
C ARG A 49 -22.06 -4.09 -12.80
N ARG A 50 -21.79 -5.37 -13.08
CA ARG A 50 -22.74 -6.17 -13.83
C ARG A 50 -24.07 -6.32 -13.09
N ARG A 51 -24.07 -6.19 -11.76
CA ARG A 51 -25.32 -6.21 -11.01
C ARG A 51 -26.15 -4.97 -11.26
N THR A 52 -25.54 -3.88 -11.72
CA THR A 52 -26.26 -2.68 -12.12
C THR A 52 -26.46 -2.59 -13.62
N GLY A 53 -26.07 -3.61 -14.37
CA GLY A 53 -26.31 -3.65 -15.80
C GLY A 53 -25.23 -3.06 -16.67
N VAL A 54 -24.02 -2.84 -16.15
CA VAL A 54 -22.93 -2.27 -16.93
C VAL A 54 -21.81 -3.30 -17.04
N SER A 55 -20.98 -3.13 -18.05
CA SER A 55 -19.86 -4.03 -18.26
C SER A 55 -18.80 -3.82 -17.18
N PRO A 56 -18.06 -4.87 -16.81
CA PRO A 56 -16.98 -4.68 -15.83
C PRO A 56 -15.88 -3.74 -16.31
N GLU A 57 -15.84 -3.44 -17.60
CA GLU A 57 -14.86 -2.51 -18.16
C GLU A 57 -15.43 -1.12 -18.38
N SER A 58 -16.64 -0.86 -17.88
CA SER A 58 -17.27 0.44 -18.02
C SER A 58 -16.75 1.44 -16.99
N GLY A 59 -16.92 2.72 -17.28
CA GLY A 59 -16.54 3.78 -16.39
C GLY A 59 -17.68 4.50 -15.71
N ALA A 60 -18.92 4.03 -15.86
CA ALA A 60 -20.05 4.73 -15.26
C ALA A 60 -20.07 4.50 -13.75
N PRO A 61 -20.43 5.51 -12.97
CA PRO A 61 -20.50 5.34 -11.51
C PRO A 61 -21.55 4.32 -11.11
N VAL A 62 -21.27 3.62 -10.02
CA VAL A 62 -22.16 2.58 -9.49
C VAL A 62 -22.58 2.98 -8.09
N SER A 63 -23.88 3.21 -7.91
CA SER A 63 -24.44 3.54 -6.61
C SER A 63 -24.88 2.26 -5.90
N MET A 64 -24.75 2.25 -4.58
CA MET A 64 -25.02 1.05 -3.81
C MET A 64 -25.15 1.43 -2.34
N ASN A 65 -25.67 0.49 -1.56
CA ASN A 65 -25.63 0.58 -0.10
C ASN A 65 -24.49 -0.29 0.40
N LEU A 66 -23.52 0.34 1.07
CA LEU A 66 -22.38 -0.36 1.63
C LEU A 66 -22.22 0.05 3.08
N LEU A 67 -22.20 -0.94 3.98
CA LEU A 67 -22.06 -0.71 5.41
C LEU A 67 -23.15 0.23 5.92
N GLY A 68 -24.38 0.02 5.46
CA GLY A 68 -25.50 0.84 5.87
C GLY A 68 -25.45 2.27 5.42
N LYS A 69 -24.71 2.56 4.35
CA LYS A 69 -24.48 3.93 3.91
C LYS A 69 -24.49 3.98 2.39
N ARG A 70 -25.24 4.95 1.85
CA ARG A 70 -25.27 5.13 0.41
C ARG A 70 -23.89 5.49 -0.12
N SER A 71 -23.44 4.77 -1.13
CA SER A 71 -22.07 4.90 -1.63
C SER A 71 -22.06 4.86 -3.15
N VAL A 72 -21.06 5.52 -3.73
CA VAL A 72 -20.90 5.59 -5.17
C VAL A 72 -19.47 5.17 -5.52
N LEU A 73 -19.35 4.16 -6.38
CA LEU A 73 -18.06 3.67 -6.81
C LEU A 73 -17.66 4.36 -8.12
N VAL A 74 -16.59 5.14 -8.07
CA VAL A 74 -16.14 5.94 -9.21
C VAL A 74 -14.85 5.36 -9.77
N ARG A 75 -14.54 5.74 -11.01
CA ARG A 75 -13.44 5.15 -11.77
C ARG A 75 -12.82 6.18 -12.69
N GLY A 76 -11.53 6.02 -12.98
CA GLY A 76 -10.85 6.81 -13.98
C GLY A 76 -10.52 8.24 -13.54
N GLU A 77 -10.20 9.06 -14.55
CA GLU A 77 -9.78 10.43 -14.28
C GLU A 77 -10.87 11.24 -13.59
N GLU A 78 -12.12 11.09 -14.04
CA GLU A 78 -13.23 11.78 -13.41
C GLU A 78 -13.37 11.37 -11.94
N GLY A 79 -13.26 10.07 -11.66
CA GLY A 79 -13.36 9.62 -10.28
C GLY A 79 -12.22 10.15 -9.41
N VAL A 80 -11.01 10.19 -9.96
CA VAL A 80 -9.87 10.68 -9.19
C VAL A 80 -10.05 12.17 -8.88
N ASP A 81 -10.45 12.96 -9.89
CA ASP A 81 -10.63 14.39 -9.66
C ASP A 81 -11.67 14.65 -8.59
N LEU A 82 -12.77 13.87 -8.60
CA LEU A 82 -13.80 14.03 -7.58
C LEU A 82 -13.29 13.61 -6.20
N PHE A 83 -12.64 12.45 -6.12
CA PHE A 83 -12.30 11.87 -4.82
C PHE A 83 -11.31 12.73 -4.06
N TYR A 84 -10.38 13.38 -4.76
CA TYR A 84 -9.32 14.14 -4.11
C TYR A 84 -9.60 15.64 -4.06
N ASP A 85 -10.82 16.06 -4.38
CA ASP A 85 -11.23 17.45 -4.21
C ASP A 85 -11.61 17.65 -2.76
N THR A 86 -10.68 18.23 -1.98
CA THR A 86 -10.93 18.41 -0.55
C THR A 86 -12.02 19.44 -0.26
N SER A 87 -12.41 20.25 -1.25
CA SER A 87 -13.56 21.13 -1.08
C SER A 87 -14.88 20.37 -1.13
N ARG A 88 -14.87 19.12 -1.57
CA ARG A 88 -16.07 18.31 -1.63
C ARG A 88 -15.97 16.98 -0.89
N MET A 89 -14.81 16.64 -0.33
CA MET A 89 -14.60 15.34 0.30
C MET A 89 -13.85 15.49 1.61
N LYS A 90 -14.27 14.73 2.62
CA LYS A 90 -13.55 14.59 3.87
C LYS A 90 -13.18 13.13 4.06
N ARG A 91 -12.17 12.90 4.92
CA ARG A 91 -11.75 11.55 5.25
C ARG A 91 -12.12 11.10 6.65
N HIS A 92 -12.38 12.04 7.56
CA HIS A 92 -12.74 11.67 8.93
C HIS A 92 -13.99 10.81 8.95
N GLY A 93 -13.87 9.62 9.54
CA GLY A 93 -14.98 8.71 9.67
C GLY A 93 -15.32 7.92 8.43
N ALA A 94 -14.62 8.16 7.31
CA ALA A 94 -14.90 7.43 6.08
C ALA A 94 -14.36 6.00 6.12
N MET A 95 -13.20 5.78 6.79
CA MET A 95 -12.62 4.44 6.84
C MET A 95 -13.17 3.69 8.05
N PRO A 96 -13.75 2.50 7.87
CA PRO A 96 -14.26 1.75 9.01
C PRO A 96 -13.15 1.34 9.97
N LEU A 97 -13.51 1.21 11.25
CA LEU A 97 -12.53 0.82 12.26
C LEU A 97 -11.90 -0.54 11.96
N PHE A 98 -12.65 -1.42 11.27
CA PHE A 98 -12.13 -2.71 10.84
C PHE A 98 -10.79 -2.56 10.12
N ILE A 99 -10.60 -1.45 9.40
CA ILE A 99 -9.37 -1.20 8.66
C ILE A 99 -8.45 -0.27 9.47
N ARG A 100 -8.94 0.92 9.80
CA ARG A 100 -8.06 1.95 10.36
C ARG A 100 -7.59 1.60 11.76
N GLY A 101 -8.39 0.86 12.51
CA GLY A 101 -8.05 0.48 13.86
C GLY A 101 -6.76 -0.32 13.94
N PRO A 102 -6.75 -1.52 13.34
CA PRO A 102 -5.51 -2.31 13.35
C PRO A 102 -4.43 -1.74 12.45
N LEU A 103 -4.80 -1.19 11.29
CA LEU A 103 -3.78 -0.93 10.28
C LEU A 103 -3.11 0.43 10.47
N PHE A 104 -3.89 1.47 10.80
CA PHE A 104 -3.36 2.83 10.88
C PHE A 104 -3.12 3.31 12.30
N GLY A 105 -3.96 2.91 13.25
CA GLY A 105 -3.79 3.33 14.63
C GLY A 105 -4.57 4.61 14.94
N SER A 106 -4.70 4.87 16.24
CA SER A 106 -5.49 6.00 16.71
C SER A 106 -4.77 7.32 16.47
N GLY A 107 -5.50 8.31 15.98
CA GLY A 107 -4.94 9.63 15.75
C GLY A 107 -4.04 9.73 14.55
N ALA A 108 -4.10 8.77 13.64
CA ALA A 108 -3.20 8.76 12.49
C ALA A 108 -3.58 9.85 11.49
N VAL A 109 -2.63 10.18 10.62
CA VAL A 109 -2.84 11.19 9.58
C VAL A 109 -3.93 10.78 8.59
N HIS A 110 -4.20 9.48 8.47
CA HIS A 110 -5.18 9.00 7.49
C HIS A 110 -6.57 9.59 7.73
N ALA A 111 -6.91 9.91 8.98
CA ALA A 111 -8.24 10.37 9.32
C ALA A 111 -8.32 11.87 9.56
N LEU A 112 -7.22 12.61 9.39
CA LEU A 112 -7.21 14.03 9.63
C LEU A 112 -7.65 14.79 8.38
N ASP A 113 -8.20 15.99 8.60
CA ASP A 113 -8.62 16.86 7.51
C ASP A 113 -8.14 18.27 7.78
N GLY A 114 -8.26 19.12 6.77
CA GLY A 114 -8.05 20.55 6.95
C GLY A 114 -6.65 20.88 7.39
N ASP A 115 -6.55 21.84 8.31
CA ASP A 115 -5.26 22.34 8.75
C ASP A 115 -4.51 21.31 9.59
N ALA A 116 -5.23 20.52 10.39
CA ALA A 116 -4.58 19.48 11.18
C ALA A 116 -3.88 18.47 10.27
N HIS A 117 -4.52 18.09 9.16
CA HIS A 117 -3.89 17.15 8.24
C HIS A 117 -2.70 17.77 7.54
N ALA A 118 -2.82 19.03 7.09
CA ALA A 118 -1.73 19.68 6.36
C ALA A 118 -0.47 19.74 7.20
N ALA A 119 -0.59 20.15 8.47
CA ALA A 119 0.57 20.21 9.34
C ALA A 119 1.12 18.83 9.66
N ARG A 120 0.24 17.83 9.79
CA ARG A 120 0.71 16.47 10.03
C ARG A 120 1.32 15.87 8.78
N LYS A 121 0.66 16.04 7.63
CA LYS A 121 1.13 15.42 6.39
C LYS A 121 2.47 15.99 5.94
N ASN A 122 2.71 17.27 6.19
CA ASN A 122 3.97 17.88 5.76
C ASN A 122 5.13 17.39 6.61
N GLN A 123 4.91 17.21 7.91
CA GLN A 123 5.95 16.69 8.77
C GLN A 123 6.32 15.25 8.41
N MET A 124 5.35 14.48 7.93
CA MET A 124 5.62 13.10 7.53
C MET A 124 6.12 12.99 6.11
N ALA A 125 5.63 13.85 5.20
CA ALA A 125 6.20 13.87 3.86
C ALA A 125 7.65 14.35 3.88
N ASP A 126 8.02 15.18 4.87
CA ASP A 126 9.42 15.58 5.03
C ASP A 126 10.32 14.38 5.27
N MET A 127 9.79 13.32 5.88
CA MET A 127 10.58 12.15 6.24
C MET A 127 10.59 11.09 5.15
N ALA A 128 9.48 10.88 4.47
CA ALA A 128 9.36 9.77 3.52
C ALA A 128 9.38 10.17 2.06
N TYR A 129 8.92 11.39 1.73
CA TYR A 129 8.74 11.80 0.35
C TYR A 129 9.90 12.60 -0.21
N GLU A 130 10.72 13.21 0.63
CA GLU A 130 11.82 14.05 0.16
C GLU A 130 12.93 13.19 -0.44
N ASP A 131 13.45 13.63 -1.59
CA ASP A 131 14.42 12.83 -2.33
C ASP A 131 15.68 12.56 -1.52
N GLU A 132 16.10 13.52 -0.69
CA GLU A 132 17.27 13.30 0.15
C GLU A 132 17.04 12.16 1.12
N ARG A 133 15.84 12.08 1.70
CA ARG A 133 15.52 11.00 2.63
C ARG A 133 15.45 9.66 1.92
N VAL A 134 14.86 9.63 0.73
CA VAL A 134 14.80 8.40 -0.05
C VAL A 134 16.20 7.93 -0.41
N ALA A 135 17.08 8.86 -0.76
CA ALA A 135 18.46 8.48 -1.08
C ALA A 135 19.15 7.84 0.12
N GLN A 136 18.84 8.29 1.33
CA GLN A 136 19.36 7.67 2.53
C GLN A 136 18.80 6.26 2.75
N TYR A 137 17.62 5.97 2.23
CA TYR A 137 17.04 4.65 2.40
C TYR A 137 17.69 3.61 1.49
N LYS A 138 18.10 4.02 0.28
CA LYS A 138 18.59 3.06 -0.72
C LYS A 138 19.70 2.14 -0.20
N PRO A 139 20.80 2.63 0.38
CA PRO A 139 21.86 1.71 0.82
C PRO A 139 21.41 0.72 1.86
N PHE A 140 20.40 1.05 2.66
CA PHE A 140 19.94 0.12 3.68
C PHE A 140 19.19 -1.07 3.05
N VAL A 141 18.24 -0.79 2.15
CA VAL A 141 17.51 -1.90 1.54
C VAL A 141 18.45 -2.73 0.67
N ALA A 142 19.41 -2.08 -0.02
CA ALA A 142 20.36 -2.84 -0.82
C ALA A 142 21.18 -3.78 0.03
N GLU A 143 21.65 -3.30 1.18
CA GLU A 143 22.40 -4.17 2.10
C GLU A 143 21.52 -5.29 2.63
N GLU A 144 20.33 -4.96 3.12
CA GLU A 144 19.46 -5.99 3.70
C GLU A 144 19.08 -7.05 2.67
N LEU A 145 18.83 -6.64 1.42
CA LEU A 145 18.47 -7.62 0.41
C LEU A 145 19.65 -8.53 0.07
N GLU A 146 20.87 -7.98 0.03
CA GLU A 146 22.04 -8.82 -0.21
C GLU A 146 22.23 -9.84 0.91
N MET A 147 21.97 -9.44 2.15
CA MET A 147 22.06 -10.39 3.25
C MET A 147 20.94 -11.41 3.21
N LEU A 148 19.77 -11.03 2.70
CA LEU A 148 18.66 -11.96 2.59
C LEU A 148 18.95 -13.05 1.55
N ILE A 149 19.62 -12.68 0.46
CA ILE A 149 20.01 -13.66 -0.56
C ILE A 149 20.89 -14.73 0.05
N ARG A 150 21.83 -14.33 0.91
CA ARG A 150 22.71 -15.30 1.56
C ARG A 150 21.95 -16.12 2.59
N GLU A 151 21.02 -15.48 3.31
CA GLU A 151 20.19 -16.22 4.26
C GLU A 151 19.34 -17.27 3.56
N TRP A 152 18.95 -17.01 2.32
CA TRP A 152 18.08 -17.91 1.56
C TRP A 152 18.81 -19.14 1.02
N THR A 153 20.09 -19.33 1.35
CA THR A 153 20.69 -20.65 1.09
C THR A 153 19.90 -21.73 1.82
N SER A 154 19.34 -21.41 2.99
CA SER A 154 18.29 -22.23 3.60
C SER A 154 16.94 -21.79 3.05
N PRO A 155 16.16 -22.70 2.46
CA PRO A 155 14.95 -22.30 1.74
C PRO A 155 13.98 -21.51 2.61
N GLY A 156 13.40 -20.47 2.03
CA GLY A 156 12.38 -19.67 2.69
C GLY A 156 11.32 -19.23 1.71
N ASN A 157 10.71 -18.07 1.92
CA ASN A 157 9.76 -17.56 0.98
C ASN A 157 9.88 -16.04 0.89
N VAL A 158 9.43 -15.49 -0.24
CA VAL A 158 9.68 -14.08 -0.54
C VAL A 158 8.93 -13.18 0.43
N TYR A 159 7.67 -13.50 0.73
CA TYR A 159 6.88 -12.63 1.61
C TYR A 159 7.53 -12.48 2.98
N ASP A 160 7.76 -13.61 3.66
CA ASP A 160 8.38 -13.56 4.99
C ASP A 160 9.78 -12.96 4.93
N GLY A 161 10.56 -13.33 3.91
CA GLY A 161 11.94 -12.88 3.85
C GLY A 161 12.08 -11.40 3.59
N THR A 162 11.39 -10.90 2.56
CA THR A 162 11.49 -9.47 2.26
C THR A 162 10.78 -8.62 3.31
N ALA A 163 9.79 -9.16 4.02
CA ALA A 163 9.18 -8.42 5.11
C ALA A 163 10.21 -8.10 6.18
N LEU A 164 11.10 -9.05 6.49
CA LEU A 164 12.14 -8.79 7.47
C LEU A 164 13.23 -7.87 6.91
N ALA A 165 13.64 -8.09 5.66
CA ALA A 165 14.64 -7.22 5.06
C ALA A 165 14.12 -5.79 4.94
N PHE A 166 12.88 -5.62 4.50
CA PHE A 166 12.32 -4.27 4.39
C PHE A 166 12.21 -3.62 5.77
N GLY A 167 11.78 -4.39 6.78
CA GLY A 167 11.63 -3.84 8.11
C GLY A 167 12.95 -3.38 8.70
N ARG A 168 13.97 -4.25 8.62
CA ARG A 168 15.30 -3.85 9.09
C ARG A 168 15.79 -2.62 8.35
N ALA A 169 15.59 -2.58 7.02
CA ALA A 169 15.98 -1.40 6.25
C ALA A 169 15.27 -0.15 6.75
N SER A 170 13.96 -0.25 7.02
CA SER A 170 13.21 0.92 7.47
C SER A 170 13.62 1.33 8.88
N PHE A 171 13.80 0.37 9.78
CA PHE A 171 14.18 0.71 11.14
C PHE A 171 15.58 1.34 11.18
N ARG A 172 16.51 0.79 10.41
CA ARG A 172 17.84 1.38 10.34
C ARG A 172 17.80 2.76 9.71
N TRP A 173 17.10 2.90 8.59
CA TRP A 173 16.96 4.19 7.93
C TRP A 173 16.35 5.24 8.85
N ALA A 174 15.40 4.83 9.70
CA ALA A 174 14.76 5.77 10.62
C ALA A 174 15.62 6.14 11.81
N GLY A 175 16.72 5.41 12.04
CA GLY A 175 17.60 5.71 13.14
C GLY A 175 17.17 5.13 14.47
N ILE A 176 16.51 3.98 14.46
CA ILE A 176 16.02 3.34 15.68
C ILE A 176 17.12 2.43 16.20
N PRO A 177 17.60 2.61 17.44
CA PRO A 177 18.72 1.80 17.96
C PRO A 177 18.26 0.46 18.52
N TRP A 178 17.80 -0.42 17.64
CA TRP A 178 17.41 -1.78 17.99
C TRP A 178 18.40 -2.77 17.41
N SER A 179 18.52 -3.91 18.08
CA SER A 179 19.30 -5.02 17.53
C SER A 179 18.60 -5.61 16.32
N ARG A 180 19.33 -6.42 15.56
CA ARG A 180 18.72 -7.10 14.42
C ARG A 180 17.66 -8.09 14.87
N GLN A 181 17.82 -8.66 16.06
CA GLN A 181 16.81 -9.56 16.61
C GLN A 181 15.51 -8.81 16.92
N GLU A 182 15.62 -7.61 17.51
CA GLU A 182 14.43 -6.83 17.84
C GLU A 182 13.78 -6.27 16.59
N MET A 183 14.60 -5.84 15.61
CA MET A 183 14.03 -5.38 14.35
C MET A 183 13.24 -6.49 13.67
N ASP A 184 13.80 -7.71 13.65
CA ASP A 184 13.08 -8.84 13.06
C ASP A 184 11.76 -9.10 13.77
N ARG A 185 11.76 -9.01 15.11
CA ARG A 185 10.54 -9.28 15.86
C ARG A 185 9.45 -8.29 15.50
N GLN A 186 9.78 -6.99 15.45
CA GLN A 186 8.77 -5.99 15.14
C GLN A 186 8.33 -6.05 13.68
N ALA A 187 9.26 -6.37 12.77
CA ALA A 187 8.91 -6.53 11.37
C ALA A 187 7.98 -7.72 11.16
N ARG A 188 8.30 -8.84 11.80
CA ARG A 188 7.45 -10.02 11.71
C ARG A 188 6.04 -9.71 12.21
N ARG A 189 5.92 -8.92 13.27
CA ARG A 189 4.61 -8.60 13.82
C ARG A 189 3.84 -7.65 12.94
N MET A 190 4.52 -6.68 12.32
CA MET A 190 3.86 -5.84 11.33
C MET A 190 3.37 -6.65 10.14
N SER A 191 4.20 -7.57 9.66
CA SER A 191 3.82 -8.39 8.51
C SER A 191 2.64 -9.29 8.83
N ARG A 192 2.59 -9.82 10.06
CA ARG A 192 1.43 -10.61 10.48
C ARG A 192 0.17 -9.76 10.53
N LEU A 193 0.27 -8.55 11.07
CA LEU A 193 -0.87 -7.64 11.09
C LEU A 193 -1.43 -7.44 9.69
N LEU A 194 -0.56 -7.11 8.74
CA LEU A 194 -1.01 -6.93 7.35
C LEU A 194 -1.63 -8.20 6.80
N ASP A 195 -1.08 -9.36 7.16
CA ASP A 195 -1.52 -10.62 6.57
C ASP A 195 -2.86 -11.09 7.12
N THR A 196 -3.36 -10.49 8.22
CA THR A 196 -4.53 -11.02 8.91
C THR A 196 -5.70 -10.06 9.04
N PHE A 197 -5.49 -8.74 8.89
CA PHE A 197 -6.54 -7.79 9.23
C PHE A 197 -7.74 -7.87 8.28
N GLY A 198 -7.50 -8.17 7.00
CA GLY A 198 -8.55 -8.10 6.00
C GLY A 198 -9.53 -9.26 5.98
N ARG A 199 -9.24 -10.36 6.69
CA ARG A 199 -10.14 -11.50 6.70
C ARG A 199 -10.82 -11.62 8.05
N PRO A 200 -12.15 -11.70 8.09
CA PRO A 200 -12.85 -11.71 9.40
C PRO A 200 -12.37 -12.80 10.33
N ALA A 201 -12.03 -13.98 9.83
CA ALA A 201 -11.59 -15.06 10.71
C ALA A 201 -10.30 -14.71 11.43
N THR A 202 -9.34 -14.10 10.75
CA THR A 202 -8.06 -13.76 11.34
C THR A 202 -7.98 -12.34 11.85
N HIS A 203 -9.02 -11.54 11.61
CA HIS A 203 -9.03 -10.14 12.04
C HIS A 203 -8.61 -9.91 13.48
N PRO A 204 -9.08 -10.67 14.49
CA PRO A 204 -8.63 -10.38 15.86
C PRO A 204 -7.12 -10.50 16.05
N ILE A 205 -6.44 -11.29 15.22
CA ILE A 205 -4.98 -11.38 15.31
C ILE A 205 -4.34 -10.02 15.01
N SER A 206 -4.95 -9.26 14.09
CA SER A 206 -4.37 -7.97 13.73
C SER A 206 -4.49 -6.97 14.87
N TRP A 207 -5.62 -7.00 15.60
CA TRP A 207 -5.73 -6.19 16.81
C TRP A 207 -4.69 -6.60 17.84
N PHE A 208 -4.47 -7.92 18.00
CA PHE A 208 -3.46 -8.38 18.94
C PHE A 208 -2.10 -7.79 18.62
N GLU A 209 -1.72 -7.81 17.34
CA GLU A 209 -0.44 -7.22 16.96
C GLU A 209 -0.43 -5.71 17.17
N ARG A 210 -1.53 -5.04 16.83
CA ARG A 210 -1.61 -3.59 17.01
C ARG A 210 -1.41 -3.20 18.46
N PHE A 211 -1.95 -3.99 19.39
CA PHE A 211 -1.79 -3.70 20.81
C PHE A 211 -0.32 -3.70 21.22
N ARG A 212 0.43 -4.76 20.87
CA ARG A 212 1.80 -4.84 21.32
C ARG A 212 2.75 -4.00 20.47
N LEU A 213 2.43 -3.77 19.19
CA LEU A 213 3.19 -2.82 18.41
C LEU A 213 3.08 -1.41 19.00
N ASP A 214 1.86 -0.96 19.29
CA ASP A 214 1.67 0.35 19.89
C ASP A 214 2.42 0.48 21.21
N ARG A 215 2.38 -0.57 22.03
CA ARG A 215 3.12 -0.54 23.29
C ARG A 215 4.62 -0.46 23.06
N THR A 216 5.14 -1.26 22.12
CA THR A 216 6.57 -1.26 21.83
C THR A 216 7.02 0.10 21.31
N PHE A 217 6.24 0.72 20.43
CA PHE A 217 6.66 1.97 19.82
C PHE A 217 6.36 3.17 20.70
N THR A 218 5.35 3.09 21.58
CA THR A 218 5.12 4.17 22.52
C THR A 218 6.27 4.27 23.53
N GLN A 219 6.73 3.13 24.04
CA GLN A 219 7.89 3.11 24.93
C GLN A 219 9.16 3.61 24.23
N LEU A 220 9.23 3.51 22.91
CA LEU A 220 10.36 4.04 22.18
C LEU A 220 10.31 5.57 22.12
N ILE A 221 9.13 6.11 21.75
CA ILE A 221 8.97 7.56 21.75
C ILE A 221 9.15 8.12 23.16
N HIS A 222 8.65 7.40 24.16
CA HIS A 222 8.85 7.82 25.54
C HIS A 222 10.33 7.84 25.91
N GLY A 223 11.09 6.87 25.40
CA GLY A 223 12.51 6.82 25.70
C GLY A 223 13.29 7.94 25.05
N VAL A 224 12.93 8.31 23.82
CA VAL A 224 13.64 9.37 23.12
C VAL A 224 13.35 10.72 23.77
N ARG A 225 12.10 10.95 24.16
CA ARG A 225 11.73 12.23 24.76
C ARG A 225 12.34 12.42 26.15
N SER A 226 12.65 11.32 26.85
CA SER A 226 13.16 11.40 28.21
C SER A 226 14.66 11.20 28.31
N GLY A 227 15.32 10.80 27.22
CA GLY A 227 16.76 10.61 27.23
C GLY A 227 17.23 9.20 27.51
N THR A 228 16.31 8.26 27.74
CA THR A 228 16.69 6.87 27.96
C THR A 228 17.18 6.21 26.67
N VAL A 229 16.66 6.64 25.52
CA VAL A 229 17.00 6.07 24.23
C VAL A 229 17.61 7.16 23.37
N ALA A 230 18.80 6.91 22.85
CA ALA A 230 19.50 7.89 22.03
C ALA A 230 18.92 7.91 20.61
N ALA A 231 18.87 9.11 20.03
CA ALA A 231 18.37 9.28 18.67
C ALA A 231 19.07 10.46 18.03
N ASP A 232 19.59 10.25 16.81
CA ASP A 232 20.18 11.35 16.06
C ASP A 232 19.17 12.46 15.90
N PRO A 233 19.55 13.72 16.15
CA PRO A 233 18.56 14.82 16.09
C PRO A 233 17.90 15.00 14.74
N ASP A 234 18.56 14.58 13.66
CA ASP A 234 17.98 14.69 12.32
C ASP A 234 17.36 13.39 11.83
N SER A 235 17.38 12.34 12.66
CA SER A 235 16.85 11.05 12.25
C SER A 235 15.32 11.09 12.22
N VAL A 236 14.74 10.15 11.45
CA VAL A 236 13.28 10.04 11.39
C VAL A 236 12.70 9.79 12.77
N LEU A 237 13.37 8.94 13.56
CA LEU A 237 12.91 8.67 14.93
C LEU A 237 12.75 9.97 15.71
N ALA A 238 13.77 10.83 15.67
CA ALA A 238 13.72 12.08 16.44
C ALA A 238 12.65 13.02 15.91
N HIS A 239 12.49 13.10 14.59
CA HIS A 239 11.47 13.98 14.03
C HIS A 239 10.07 13.55 14.46
N MET A 240 9.85 12.23 14.57
CA MET A 240 8.56 11.75 15.05
C MET A 240 8.39 12.02 16.54
N ALA A 241 9.47 11.90 17.32
CA ALA A 241 9.41 12.26 18.72
C ALA A 241 9.15 13.76 18.93
N ARG A 242 9.46 14.59 17.93
CA ARG A 242 9.20 16.02 17.99
C ARG A 242 7.97 16.42 17.18
N LEU A 243 7.07 15.47 16.91
CA LEU A 243 5.91 15.76 16.08
C LEU A 243 4.96 16.73 16.79
N VAL A 244 4.53 17.76 16.07
CA VAL A 244 3.68 18.79 16.64
C VAL A 244 2.40 18.90 15.84
N ASP A 245 1.38 19.50 16.46
CA ASP A 245 0.10 19.73 15.79
C ASP A 245 0.17 21.01 14.97
N GLU A 246 -0.98 21.50 14.51
CA GLU A 246 -0.99 22.68 13.65
C GLU A 246 -0.77 23.97 14.41
N ASN A 247 -0.66 23.92 15.74
CA ASN A 247 -0.38 25.09 16.56
C ASN A 247 0.97 25.01 17.26
N GLY A 248 1.85 24.10 16.82
CA GLY A 248 3.14 23.94 17.45
C GLY A 248 3.14 23.14 18.73
N GLY A 249 2.00 22.57 19.12
CA GLY A 249 1.94 21.79 20.35
C GLY A 249 2.36 20.35 20.10
N LEU A 250 3.17 19.83 21.04
CA LEU A 250 3.69 18.48 20.92
C LEU A 250 2.56 17.47 21.03
N VAL A 251 2.52 16.51 20.11
CA VAL A 251 1.51 15.45 20.11
C VAL A 251 1.80 14.44 21.19
N ASP A 252 0.81 13.62 21.54
CA ASP A 252 0.99 12.59 22.54
C ASP A 252 2.04 11.58 22.11
N GLU A 253 2.60 10.87 23.09
CA GLU A 253 3.58 9.83 22.79
C GLU A 253 2.98 8.72 21.94
N LYS A 254 1.69 8.40 22.14
CA LYS A 254 1.08 7.35 21.35
C LYS A 254 0.88 7.77 19.90
N THR A 255 0.47 9.04 19.68
CA THR A 255 0.32 9.53 18.32
C THR A 255 1.65 9.55 17.59
N ALA A 256 2.72 9.99 18.26
CA ALA A 256 4.04 9.98 17.64
C ALA A 256 4.48 8.56 17.32
N ALA A 257 4.12 7.60 18.20
CA ALA A 257 4.43 6.20 17.95
C ALA A 257 3.56 5.63 16.85
N VAL A 258 2.30 6.06 16.77
CA VAL A 258 1.44 5.61 15.69
C VAL A 258 1.98 6.06 14.34
N GLU A 259 2.49 7.29 14.27
CA GLU A 259 2.97 7.81 13.00
C GLU A 259 4.35 7.28 12.63
N LEU A 260 5.16 6.90 13.62
CA LEU A 260 6.42 6.24 13.32
C LEU A 260 6.19 4.87 12.69
N GLN A 261 5.18 4.14 13.19
CA GLN A 261 4.80 2.89 12.53
C GLN A 261 4.29 3.13 11.12
N ASN A 262 3.56 4.24 10.92
CA ASN A 262 3.06 4.56 9.58
C ASN A 262 4.17 4.96 8.62
N LEU A 263 5.40 5.17 9.11
CA LEU A 263 6.55 5.41 8.25
C LEU A 263 7.43 4.18 8.10
N THR A 264 7.06 3.07 8.72
CA THR A 264 7.89 1.87 8.65
C THR A 264 7.07 0.66 8.21
N ARG A 265 5.96 0.38 8.91
CA ARG A 265 5.11 -0.74 8.53
C ARG A 265 4.72 -0.78 7.06
N PRO A 266 4.33 0.31 6.41
CA PRO A 266 3.96 0.21 4.99
C PRO A 266 5.11 -0.20 4.10
N ASN A 267 6.36 0.05 4.50
CA ASN A 267 7.47 -0.52 3.74
C ASN A 267 7.55 -2.03 3.93
N VAL A 268 7.28 -2.50 5.14
CA VAL A 268 7.15 -3.95 5.36
C VAL A 268 6.05 -4.53 4.48
N ALA A 269 4.99 -3.76 4.25
CA ALA A 269 3.88 -4.24 3.41
C ALA A 269 4.30 -4.51 1.98
N VAL A 270 5.39 -3.89 1.51
CA VAL A 270 5.86 -4.10 0.14
C VAL A 270 6.25 -5.56 -0.10
N ALA A 271 6.51 -6.33 0.97
CA ALA A 271 6.78 -7.75 0.82
C ALA A 271 5.69 -8.44 0.01
N ARG A 272 4.45 -7.97 0.13
CA ARG A 272 3.36 -8.53 -0.67
C ARG A 272 3.57 -8.27 -2.15
N PHE A 273 3.98 -7.05 -2.53
CA PHE A 273 4.30 -6.79 -3.92
C PHE A 273 5.49 -7.64 -4.38
N ALA A 274 6.45 -7.87 -3.47
CA ALA A 274 7.63 -8.66 -3.84
C ALA A 274 7.26 -10.11 -4.10
N ALA A 275 6.28 -10.65 -3.37
CA ALA A 275 5.81 -12.01 -3.64
C ALA A 275 5.06 -12.07 -4.97
N PHE A 276 4.17 -11.10 -5.22
CA PHE A 276 3.54 -10.99 -6.53
C PHE A 276 4.60 -10.90 -7.64
N ALA A 277 5.67 -10.14 -7.39
CA ALA A 277 6.68 -9.94 -8.42
C ALA A 277 7.44 -11.22 -8.72
N GLY A 278 7.67 -12.06 -7.70
CA GLY A 278 8.31 -13.33 -7.93
C GLY A 278 7.50 -14.23 -8.85
N ALA A 279 6.18 -14.28 -8.63
CA ALA A 279 5.33 -15.06 -9.52
C ALA A 279 5.32 -14.47 -10.92
N ALA A 280 5.32 -13.13 -11.03
CA ALA A 280 5.35 -12.51 -12.35
C ALA A 280 6.67 -12.77 -13.06
N LEU A 281 7.78 -12.81 -12.32
CA LEU A 281 9.06 -13.12 -12.91
C LEU A 281 9.09 -14.55 -13.47
N VAL A 282 8.43 -15.48 -12.77
CA VAL A 282 8.30 -16.83 -13.30
C VAL A 282 7.44 -16.83 -14.56
N GLU A 283 6.32 -16.11 -14.54
CA GLU A 283 5.41 -16.09 -15.67
C GLU A 283 5.96 -15.31 -16.85
N HIS A 284 6.94 -14.43 -16.63
CA HIS A 284 7.53 -13.60 -17.69
C HIS A 284 9.04 -13.75 -17.66
N PRO A 285 9.56 -14.91 -18.09
CA PRO A 285 11.01 -15.15 -17.96
C PRO A 285 11.86 -14.27 -18.85
N GLU A 286 11.32 -13.76 -19.95
CA GLU A 286 12.10 -12.85 -20.79
C GLU A 286 12.37 -11.53 -20.08
N TRP A 287 11.45 -11.09 -19.21
CA TRP A 287 11.72 -9.89 -18.42
C TRP A 287 12.70 -10.17 -17.29
N ALA A 288 12.65 -11.36 -16.68
CA ALA A 288 13.63 -11.71 -15.67
C ALA A 288 15.05 -11.63 -16.23
N ALA A 289 15.29 -12.26 -17.37
CA ALA A 289 16.63 -12.26 -17.94
C ALA A 289 17.04 -10.86 -18.36
N ARG A 290 16.10 -10.07 -18.88
CA ARG A 290 16.40 -8.70 -19.28
C ARG A 290 16.75 -7.84 -18.08
N ILE A 291 16.03 -8.03 -16.96
CA ILE A 291 16.36 -7.33 -15.73
C ILE A 291 17.72 -7.77 -15.20
N HIS A 292 17.99 -9.07 -15.23
CA HIS A 292 19.26 -9.57 -14.75
C HIS A 292 20.42 -9.00 -15.55
N GLU A 293 20.29 -8.97 -16.89
CA GLU A 293 21.35 -8.43 -17.72
C GLU A 293 21.58 -6.95 -17.45
N ALA A 294 20.51 -6.19 -17.27
CA ALA A 294 20.65 -4.78 -16.92
C ALA A 294 21.37 -4.61 -15.59
N SER A 295 21.11 -5.49 -14.63
CA SER A 295 21.81 -5.42 -13.35
C SER A 295 23.28 -5.78 -13.51
N GLN A 296 23.58 -6.87 -14.21
CA GLN A 296 24.97 -7.28 -14.41
C GLN A 296 25.79 -6.17 -15.04
N ALA A 297 25.21 -5.45 -16.01
CA ALA A 297 25.90 -4.32 -16.59
C ALA A 297 26.32 -3.30 -15.53
N ARG A 298 25.50 -3.13 -14.50
CA ARG A 298 25.82 -2.26 -13.37
C ARG A 298 26.52 -3.01 -12.25
N GLY A 299 27.33 -4.02 -12.57
CA GLY A 299 28.12 -4.70 -11.56
C GLY A 299 27.30 -5.59 -10.67
N GLY A 300 26.02 -5.77 -11.01
CA GLY A 300 25.11 -6.53 -10.20
C GLY A 300 24.28 -5.71 -9.23
N SER A 301 24.30 -4.38 -9.35
CA SER A 301 23.60 -3.52 -8.42
C SER A 301 22.10 -3.81 -8.39
N LEU A 302 21.53 -3.69 -7.21
CA LEU A 302 20.09 -3.78 -7.03
C LEU A 302 19.38 -2.45 -7.22
N LEU A 303 20.11 -1.33 -7.18
CA LEU A 303 19.52 0.00 -7.10
C LEU A 303 19.42 0.64 -8.48
N ASP A 304 18.27 1.25 -8.75
CA ASP A 304 18.07 2.13 -9.91
C ASP A 304 18.35 1.40 -11.22
N ILE A 305 17.83 0.17 -11.33
CA ILE A 305 17.86 -0.59 -12.57
C ILE A 305 16.60 -0.26 -13.35
N PRO A 306 16.69 0.46 -14.48
CA PRO A 306 15.46 0.93 -15.14
C PRO A 306 14.48 -0.18 -15.51
N GLU A 307 14.99 -1.34 -15.94
CA GLU A 307 14.11 -2.43 -16.33
C GLU A 307 13.35 -2.97 -15.13
N ALA A 308 14.00 -3.05 -13.96
CA ALA A 308 13.36 -3.49 -12.74
C ALA A 308 12.37 -2.47 -12.21
N VAL A 309 12.72 -1.19 -12.28
CA VAL A 309 11.79 -0.13 -11.88
C VAL A 309 10.51 -0.24 -12.70
N ALA A 310 10.64 -0.37 -14.03
CA ALA A 310 9.46 -0.54 -14.87
C ALA A 310 8.68 -1.80 -14.50
N PHE A 311 9.39 -2.89 -14.26
CA PHE A 311 8.74 -4.15 -13.86
C PHE A 311 8.02 -3.99 -12.52
N ALA A 312 8.67 -3.32 -11.57
CA ALA A 312 8.04 -3.05 -10.28
C ALA A 312 6.77 -2.22 -10.45
N GLN A 313 6.80 -1.23 -11.33
CA GLN A 313 5.62 -0.38 -11.53
C GLN A 313 4.46 -1.18 -12.09
N GLU A 314 4.74 -2.04 -13.07
CA GLU A 314 3.67 -2.85 -13.64
C GLU A 314 3.14 -3.86 -12.64
N VAL A 315 3.97 -4.28 -11.67
CA VAL A 315 3.46 -5.11 -10.60
C VAL A 315 2.48 -4.32 -9.73
N ARG A 316 2.85 -3.10 -9.36
CA ARG A 316 1.94 -2.27 -8.56
C ARG A 316 0.64 -2.00 -9.29
N ARG A 317 0.68 -1.91 -10.62
CA ARG A 317 -0.53 -1.62 -11.39
C ARG A 317 -1.46 -2.82 -11.46
N VAL A 318 -0.91 -3.99 -11.80
CA VAL A 318 -1.71 -5.17 -12.11
C VAL A 318 -2.10 -5.95 -10.86
N TYR A 319 -1.19 -6.11 -9.91
CA TYR A 319 -1.51 -7.06 -8.87
C TYR A 319 -2.31 -6.41 -7.75
N PRO A 320 -3.24 -7.15 -7.15
CA PRO A 320 -4.19 -6.54 -6.21
C PRO A 320 -3.57 -6.26 -4.85
N PHE A 321 -3.86 -5.08 -4.32
CA PHE A 321 -3.45 -4.71 -2.97
C PHE A 321 -4.57 -3.88 -2.35
N VAL A 322 -4.62 -2.60 -2.67
CA VAL A 322 -5.71 -1.72 -2.23
C VAL A 322 -6.86 -1.86 -3.22
N PRO A 323 -8.03 -2.33 -2.80
CA PRO A 323 -9.14 -2.49 -3.74
C PRO A 323 -9.79 -1.15 -4.06
N MET A 324 -10.04 -0.35 -3.03
CA MET A 324 -10.71 0.94 -3.18
C MET A 324 -10.49 1.76 -1.93
N LEU A 325 -10.84 3.03 -1.99
CA LEU A 325 -10.68 3.92 -0.86
C LEU A 325 -11.95 4.72 -0.63
N PRO A 326 -12.33 4.96 0.64
CA PRO A 326 -13.57 5.68 0.93
C PRO A 326 -13.34 7.13 1.29
N ALA A 327 -14.32 7.98 0.95
CA ALA A 327 -14.36 9.36 1.43
C ALA A 327 -15.82 9.77 1.57
N GLU A 328 -16.06 10.74 2.44
CA GLU A 328 -17.41 11.24 2.69
C GLU A 328 -17.58 12.61 2.04
N ALA A 329 -18.70 12.79 1.34
CA ALA A 329 -18.93 14.05 0.64
C ALA A 329 -19.30 15.15 1.63
N THR A 330 -18.63 16.29 1.50
CA THR A 330 -18.90 17.45 2.36
C THR A 330 -19.95 18.38 1.77
N ALA A 331 -20.28 18.23 0.49
CA ALA A 331 -21.29 19.06 -0.15
C ALA A 331 -21.94 18.25 -1.26
N ASP A 332 -23.14 18.68 -1.66
CA ASP A 332 -23.84 18.03 -2.76
C ASP A 332 -23.08 18.24 -4.06
N THR A 333 -22.91 17.18 -4.82
CA THR A 333 -22.20 17.24 -6.09
C THR A 333 -22.72 16.12 -6.98
N GLU A 334 -21.95 15.79 -8.02
CA GLU A 334 -22.37 14.79 -8.99
C GLU A 334 -21.16 14.33 -9.77
N ILE A 335 -21.32 13.23 -10.50
CA ILE A 335 -20.27 12.76 -11.38
C ILE A 335 -20.88 11.94 -12.51
N LYS A 336 -20.72 12.40 -13.74
CA LYS A 336 -21.22 11.72 -14.93
C LYS A 336 -22.72 11.43 -14.82
N GLY A 337 -23.47 12.40 -14.30
CA GLY A 337 -24.90 12.30 -14.18
C GLY A 337 -25.41 11.71 -12.88
N CYS A 338 -24.55 11.06 -12.10
CA CYS A 338 -24.99 10.44 -10.86
C CYS A 338 -24.91 11.46 -9.72
N PRO A 339 -26.01 11.74 -9.04
CA PRO A 339 -25.95 12.71 -7.93
C PRO A 339 -25.30 12.12 -6.70
N ILE A 340 -24.66 12.99 -5.92
CA ILE A 340 -23.97 12.60 -4.70
C ILE A 340 -24.48 13.48 -3.56
N HIS A 341 -25.16 12.87 -2.59
CA HIS A 341 -25.71 13.60 -1.46
C HIS A 341 -24.64 13.91 -0.43
N LYS A 342 -24.80 15.05 0.24
CA LYS A 342 -23.85 15.44 1.28
C LYS A 342 -23.92 14.44 2.43
N GLY A 343 -22.75 13.93 2.83
CA GLY A 343 -22.66 12.98 3.91
C GLY A 343 -22.59 11.53 3.50
N GLN A 344 -22.79 11.22 2.23
CA GLN A 344 -22.71 9.85 1.77
C GLN A 344 -21.26 9.49 1.42
N ARG A 345 -21.04 8.21 1.11
CA ARG A 345 -19.70 7.70 0.86
C ARG A 345 -19.39 7.73 -0.63
N VAL A 346 -18.13 8.03 -0.95
CA VAL A 346 -17.61 7.97 -2.30
C VAL A 346 -16.42 7.03 -2.31
N LEU A 347 -16.43 6.05 -3.21
CA LEU A 347 -15.40 5.03 -3.28
C LEU A 347 -14.68 5.13 -4.62
N ILE A 348 -13.36 5.27 -4.57
CA ILE A 348 -12.54 5.32 -5.78
C ILE A 348 -12.02 3.92 -6.07
N ASP A 349 -12.35 3.41 -7.25
CA ASP A 349 -11.93 2.06 -7.66
C ASP A 349 -10.44 2.10 -7.97
N ILE A 350 -9.62 1.60 -7.05
CA ILE A 350 -8.17 1.61 -7.26
C ILE A 350 -7.78 0.57 -8.30
N LEU A 351 -8.14 -0.70 -8.05
CA LEU A 351 -7.76 -1.75 -8.98
C LEU A 351 -8.37 -1.52 -10.36
N GLY A 352 -9.61 -1.02 -10.41
CA GLY A 352 -10.25 -0.79 -11.69
C GLY A 352 -9.65 0.36 -12.47
N THR A 353 -9.22 1.42 -11.77
CA THR A 353 -8.58 2.53 -12.46
C THR A 353 -7.22 2.12 -13.03
N ASN A 354 -6.45 1.34 -12.26
CA ASN A 354 -5.14 0.90 -12.73
C ASN A 354 -5.23 -0.03 -13.93
N ASN A 355 -6.39 -0.65 -14.16
CA ASN A 355 -6.58 -1.58 -15.26
C ASN A 355 -7.75 -1.15 -16.15
N ASP A 356 -8.02 0.15 -16.17
CA ASP A 356 -9.14 0.70 -16.93
C ASP A 356 -8.81 0.73 -18.41
N PRO A 357 -9.57 0.03 -19.26
CA PRO A 357 -9.30 0.09 -20.72
C PRO A 357 -9.43 1.49 -21.29
N ALA A 358 -10.04 2.42 -20.56
CA ALA A 358 -10.25 3.78 -21.05
C ALA A 358 -9.00 4.64 -21.00
N SER A 359 -8.01 4.29 -20.17
CA SER A 359 -6.80 5.08 -20.04
C SER A 359 -5.53 4.26 -20.10
N TRP A 360 -5.63 2.97 -20.44
CA TRP A 360 -4.46 2.10 -20.53
C TRP A 360 -4.53 1.28 -21.81
N GLU A 361 -3.44 1.30 -22.58
CA GLU A 361 -3.33 0.44 -23.75
C GLU A 361 -3.15 -1.00 -23.30
N ARG A 362 -4.03 -1.89 -23.78
CA ARG A 362 -4.00 -3.30 -23.41
C ARG A 362 -3.98 -3.45 -21.89
N ALA A 363 -5.05 -2.93 -21.27
CA ALA A 363 -5.08 -2.77 -19.81
C ALA A 363 -5.01 -4.10 -19.08
N GLY A 364 -5.52 -5.17 -19.69
CA GLY A 364 -5.51 -6.47 -19.04
C GLY A 364 -4.25 -7.28 -19.25
N THR A 365 -3.21 -6.69 -19.83
CA THR A 365 -1.97 -7.38 -20.12
C THR A 365 -0.85 -6.85 -19.22
N PHE A 366 -0.10 -7.78 -18.62
CA PHE A 366 1.10 -7.43 -17.86
C PHE A 366 2.22 -7.14 -18.86
N ASP A 367 2.57 -5.87 -19.01
CA ASP A 367 3.61 -5.46 -19.95
C ASP A 367 4.36 -4.30 -19.35
N PRO A 368 5.55 -4.55 -18.76
CA PRO A 368 6.33 -3.46 -18.17
C PRO A 368 6.84 -2.44 -19.18
N GLU A 369 6.78 -2.74 -20.48
CA GLU A 369 7.21 -1.77 -21.48
C GLU A 369 6.43 -0.46 -21.37
N ARG A 370 5.19 -0.51 -20.89
CA ARG A 370 4.40 0.71 -20.75
C ARG A 370 5.00 1.70 -19.76
N PHE A 371 5.93 1.25 -18.91
CA PHE A 371 6.63 2.16 -18.01
C PHE A 371 8.08 2.41 -18.40
N MET A 372 8.63 1.66 -19.35
CA MET A 372 9.96 1.96 -19.88
C MET A 372 9.96 3.32 -20.57
N GLY A 373 10.87 4.19 -20.16
CA GLY A 373 10.96 5.52 -20.73
C GLY A 373 10.04 6.55 -20.12
N VAL A 374 9.28 6.19 -19.08
CA VAL A 374 8.40 7.15 -18.43
C VAL A 374 9.21 7.97 -17.44
N ASP A 375 9.11 9.30 -17.53
CA ASP A 375 9.90 10.17 -16.67
C ASP A 375 9.25 10.37 -15.30
N ASP A 376 7.94 10.55 -15.25
CA ASP A 376 7.25 10.84 -14.00
C ASP A 376 5.97 9.99 -13.92
N ALA A 377 6.11 8.74 -13.46
CA ALA A 377 4.95 7.88 -13.29
C ALA A 377 3.95 8.50 -12.33
N GLU A 378 4.41 9.29 -11.37
CA GLU A 378 3.51 9.94 -10.43
C GLU A 378 2.51 10.85 -11.13
N ALA A 379 2.88 11.39 -12.29
CA ALA A 379 2.00 12.31 -13.01
C ALA A 379 0.91 11.61 -13.79
N ILE A 380 0.98 10.29 -13.97
CA ILE A 380 -0.09 9.54 -14.62
C ILE A 380 -1.30 9.54 -13.70
N ARG A 381 -2.35 10.28 -14.08
CA ARG A 381 -3.45 10.52 -13.15
C ARG A 381 -4.24 9.25 -12.86
N THR A 382 -4.26 8.29 -13.78
CA THR A 382 -4.98 7.04 -13.60
C THR A 382 -4.09 5.91 -13.10
N PHE A 383 -2.88 6.23 -12.64
CA PHE A 383 -1.99 5.27 -12.00
C PHE A 383 -2.05 5.59 -10.50
N ILE A 384 -2.90 4.86 -9.77
CA ILE A 384 -3.15 5.20 -8.37
C ILE A 384 -3.09 3.99 -7.43
N PRO A 385 -2.09 3.11 -7.53
CA PRO A 385 -2.05 1.98 -6.57
C PRO A 385 -1.87 2.43 -5.13
N GLN A 386 -1.27 3.61 -4.90
CA GLN A 386 -1.12 4.14 -3.55
C GLN A 386 -1.66 5.56 -3.46
N GLY A 387 -2.72 5.85 -4.22
CA GLY A 387 -3.41 7.12 -4.12
C GLY A 387 -3.15 7.99 -5.33
N GLY A 388 -3.95 9.07 -5.42
CA GLY A 388 -3.84 10.02 -6.51
C GLY A 388 -3.71 11.46 -6.03
N ALA A 389 -3.72 12.40 -6.97
CA ALA A 389 -3.56 13.84 -6.69
C ALA A 389 -2.16 14.06 -6.13
N GLU A 390 -2.01 15.01 -5.21
CA GLU A 390 -0.72 15.46 -4.72
C GLU A 390 -0.46 14.96 -3.31
N VAL A 391 0.82 14.73 -3.01
CA VAL A 391 1.21 14.12 -1.74
C VAL A 391 0.93 15.07 -0.59
N ARG A 392 1.44 16.31 -0.67
CA ARG A 392 1.41 17.22 0.48
C ARG A 392 0.06 17.89 0.65
N THR A 393 -0.65 18.18 -0.44
CA THR A 393 -1.95 18.85 -0.33
C THR A 393 -3.12 17.88 -0.16
N GLY A 394 -2.88 16.58 -0.34
CA GLY A 394 -3.93 15.59 -0.18
C GLY A 394 -3.49 14.40 0.65
N HIS A 395 -4.24 13.30 0.57
CA HIS A 395 -3.97 12.10 1.36
C HIS A 395 -3.17 11.06 0.59
N ARG A 396 -2.59 11.43 -0.55
CA ARG A 396 -1.77 10.49 -1.31
C ARG A 396 -0.63 9.94 -0.46
N CYS A 397 -0.28 8.69 -0.73
CA CYS A 397 0.81 8.04 -0.03
C CYS A 397 2.09 8.85 -0.21
N PRO A 398 2.78 9.21 0.88
CA PRO A 398 4.08 9.88 0.77
C PRO A 398 5.27 8.95 0.61
N GLY A 399 5.04 7.64 0.55
CA GLY A 399 6.14 6.70 0.53
C GLY A 399 6.33 5.93 -0.77
N GLU A 400 5.78 6.44 -1.88
CA GLU A 400 5.85 5.71 -3.14
C GLU A 400 7.29 5.56 -3.62
N LYS A 401 8.14 6.55 -3.37
CA LYS A 401 9.53 6.44 -3.80
C LYS A 401 10.27 5.38 -2.99
N ILE A 402 9.99 5.30 -1.69
CA ILE A 402 10.56 4.23 -0.88
C ILE A 402 9.98 2.88 -1.30
N ALA A 403 8.66 2.84 -1.55
CA ALA A 403 8.02 1.59 -1.96
C ALA A 403 8.62 1.07 -3.27
N VAL A 404 8.76 1.95 -4.27
CA VAL A 404 9.30 1.53 -5.55
C VAL A 404 10.78 1.16 -5.42
N THR A 405 11.51 1.85 -4.54
CA THR A 405 12.89 1.46 -4.29
C THR A 405 12.97 0.06 -3.70
N SER A 406 12.15 -0.21 -2.68
CA SER A 406 12.13 -1.55 -2.08
C SER A 406 11.74 -2.62 -3.10
N LEU A 407 10.70 -2.37 -3.90
CA LEU A 407 10.20 -3.39 -4.81
C LEU A 407 11.15 -3.62 -5.97
N SER A 408 11.67 -2.55 -6.58
CA SER A 408 12.54 -2.70 -7.73
C SER A 408 13.85 -3.40 -7.35
N ALA A 409 14.37 -3.10 -6.17
CA ALA A 409 15.56 -3.80 -5.69
C ALA A 409 15.27 -5.28 -5.44
N ALA A 410 14.09 -5.58 -4.90
CA ALA A 410 13.71 -6.97 -4.72
C ALA A 410 13.54 -7.67 -6.05
N VAL A 411 12.95 -6.98 -7.03
CA VAL A 411 12.81 -7.53 -8.38
C VAL A 411 14.17 -7.91 -8.96
N VAL A 412 15.18 -7.05 -8.80
CA VAL A 412 16.52 -7.38 -9.30
C VAL A 412 17.06 -8.62 -8.62
N ALA A 413 16.97 -8.67 -7.28
CA ALA A 413 17.51 -9.80 -6.53
C ALA A 413 16.83 -11.10 -6.95
N LEU A 414 15.51 -11.07 -7.10
CA LEU A 414 14.78 -12.29 -7.45
C LEU A 414 15.03 -12.70 -8.90
N ALA A 415 15.39 -11.74 -9.77
CA ALA A 415 15.69 -12.04 -11.16
C ALA A 415 17.04 -12.72 -11.34
N ARG A 416 17.85 -12.76 -10.29
CA ARG A 416 19.12 -13.48 -10.36
C ARG A 416 18.83 -14.97 -10.57
N PRO A 417 19.47 -15.62 -11.54
CA PRO A 417 19.20 -17.05 -11.77
C PRO A 417 19.59 -17.94 -10.60
N ASN A 418 20.60 -17.56 -9.83
CA ASN A 418 20.96 -18.33 -8.64
C ASN A 418 19.97 -18.15 -7.51
N VAL A 419 19.08 -17.18 -7.59
CA VAL A 419 18.00 -17.01 -6.62
C VAL A 419 16.79 -17.71 -7.23
N GLU A 420 16.62 -18.99 -6.89
CA GLU A 420 15.68 -19.86 -7.57
C GLU A 420 14.28 -19.72 -6.98
N LEU A 421 13.34 -19.27 -7.79
CA LEU A 421 11.96 -19.08 -7.37
C LEU A 421 11.17 -20.37 -7.54
N GLY A 422 10.26 -20.62 -6.60
CA GLY A 422 9.40 -21.78 -6.71
C GLY A 422 8.42 -21.67 -7.86
N THR A 423 8.03 -22.81 -8.40
CA THR A 423 7.16 -22.86 -9.57
C THR A 423 5.92 -23.69 -9.38
N ASP A 424 5.64 -24.12 -8.15
CA ASP A 424 4.44 -24.91 -7.87
C ASP A 424 3.19 -24.03 -7.99
N PRO A 425 2.02 -24.65 -8.17
CA PRO A 425 0.79 -23.85 -8.26
C PRO A 425 0.52 -23.00 -7.02
N ASP A 426 1.03 -23.41 -5.86
CA ASP A 426 0.85 -22.61 -4.64
C ASP A 426 1.78 -21.42 -4.59
N ASP A 427 2.86 -21.44 -5.37
CA ASP A 427 3.77 -20.31 -5.49
C ASP A 427 3.30 -19.28 -6.50
N LEU A 428 2.51 -19.69 -7.51
CA LEU A 428 2.23 -18.82 -8.64
C LEU A 428 0.81 -18.28 -8.66
N THR A 429 -0.14 -18.93 -8.00
CA THR A 429 -1.52 -18.49 -8.01
C THR A 429 -1.94 -17.98 -6.63
N PHE A 430 -3.05 -17.27 -6.62
CA PHE A 430 -3.60 -16.72 -5.40
C PHE A 430 -5.08 -16.48 -5.59
N SER A 431 -5.79 -16.33 -4.48
CA SER A 431 -7.21 -16.06 -4.51
C SER A 431 -7.46 -14.57 -4.71
N TRP A 432 -8.37 -14.24 -5.62
CA TRP A 432 -8.81 -12.87 -5.80
C TRP A 432 -9.98 -12.49 -4.91
N THR A 433 -10.55 -13.44 -4.18
CA THR A 433 -11.76 -13.21 -3.40
C THR A 433 -11.47 -13.03 -1.91
N HIS A 434 -10.20 -12.90 -1.54
CA HIS A 434 -9.79 -12.58 -0.18
C HIS A 434 -8.96 -11.31 -0.20
N MET A 435 -8.96 -10.60 0.92
CA MET A 435 -8.17 -9.39 1.08
C MET A 435 -7.52 -9.43 2.46
N LEU A 436 -6.24 -9.07 2.54
CA LEU A 436 -5.34 -8.95 1.41
C LEU A 436 -5.04 -10.35 0.92
N THR A 437 -4.27 -10.47 -0.16
CA THR A 437 -4.01 -11.77 -0.75
C THR A 437 -2.57 -11.81 -1.24
N ARG A 438 -2.14 -13.01 -1.59
CA ARG A 438 -0.76 -13.32 -1.99
C ARG A 438 -0.68 -14.80 -2.30
N PRO A 439 0.41 -15.27 -2.92
CA PRO A 439 0.63 -16.72 -3.01
C PRO A 439 0.64 -17.34 -1.61
N ALA A 440 -0.02 -18.49 -1.49
CA ALA A 440 -0.21 -19.10 -0.18
C ALA A 440 1.12 -19.45 0.48
N THR A 441 2.11 -19.85 -0.31
CA THR A 441 3.44 -20.13 0.23
C THR A 441 4.24 -18.86 0.50
N GLY A 442 3.81 -17.72 -0.05
CA GLY A 442 4.64 -16.53 -0.03
C GLY A 442 5.69 -16.50 -1.12
N MET A 443 5.58 -17.39 -2.12
CA MET A 443 6.60 -17.65 -3.13
C MET A 443 7.85 -18.23 -2.50
N ARG A 444 7.96 -19.56 -2.51
CA ARG A 444 9.17 -20.20 -2.02
C ARG A 444 10.37 -19.79 -2.87
N VAL A 445 11.55 -19.83 -2.26
CA VAL A 445 12.76 -19.37 -2.90
C VAL A 445 13.96 -19.97 -2.19
N ARG A 446 15.02 -20.25 -2.94
CA ARG A 446 16.24 -20.83 -2.39
C ARG A 446 17.42 -20.31 -3.20
N THR A 447 18.52 -20.02 -2.53
CA THR A 447 19.72 -19.52 -3.17
C THR A 447 20.68 -20.67 -3.42
N ALA A 448 21.12 -20.81 -4.65
CA ALA A 448 22.09 -21.84 -5.01
C ALA A 448 23.46 -21.50 -4.47
C1 MYR B . 0.07 0.20 5.12
O1 MYR B . -0.55 1.12 5.70
O2 MYR B . 0.67 -0.65 5.82
C2 MYR B . 0.13 0.15 3.61
C3 MYR B . -1.05 -0.64 3.03
C4 MYR B . -2.36 0.10 3.16
C5 MYR B . -3.54 -0.74 2.64
C6 MYR B . -4.88 -0.05 2.94
C7 MYR B . -6.05 -0.86 2.40
C8 MYR B . -7.37 -0.18 2.74
C9 MYR B . -8.52 -0.77 1.94
C10 MYR B . -9.89 -0.32 2.44
C11 MYR B . -10.98 -0.75 1.47
C12 MYR B . -12.36 -0.76 2.11
C13 MYR B . -12.93 0.63 2.26
C14 MYR B . -14.39 0.57 2.70
CHA HEM C . -1.42 6.41 2.48
CHB HEM C . -0.90 2.47 -0.27
CHC HEM C . 3.75 2.21 1.07
CHD HEM C . 3.07 5.82 4.20
C1A HEM C . -1.66 5.40 1.58
C2A HEM C . -2.87 5.24 0.82
C3A HEM C . -2.74 4.16 0.06
C4A HEM C . -1.43 3.59 0.32
CMA HEM C . -3.79 3.59 -0.92
CAA HEM C . -4.11 6.17 0.92
CBA HEM C . -4.17 7.17 -0.23
CGA HEM C . -5.30 8.13 0.04
O1A HEM C . -5.77 8.81 -0.91
O2A HEM C . -5.75 8.21 1.21
C1B HEM C . 0.37 1.98 -0.04
C2B HEM C . 0.86 0.65 -0.38
C3B HEM C . 2.15 0.59 0.00
C4B HEM C . 2.51 1.86 0.58
CMB HEM C . -0.02 -0.42 -1.04
CAB HEM C . 3.17 -0.58 -0.10
CBB HEM C . 2.90 -1.79 -0.61
C1C HEM C . 4.00 3.21 1.98
C2C HEM C . 5.30 3.57 2.50
C3C HEM C . 5.12 4.59 3.38
C4C HEM C . 3.69 4.87 3.43
CMC HEM C . 6.61 2.89 2.06
CAC HEM C . 6.16 5.37 4.21
CBC HEM C . 7.49 5.26 4.09
C1D HEM C . 1.78 6.26 4.04
C2D HEM C . 1.10 7.24 4.87
C3D HEM C . -0.14 7.39 4.40
C4D HEM C . -0.28 6.53 3.25
CMD HEM C . 1.70 7.97 6.09
CAD HEM C . -1.23 8.34 4.93
CBD HEM C . -1.07 9.67 4.16
CGD HEM C . -2.27 10.57 4.35
O1D HEM C . -3.32 10.09 4.85
O2D HEM C . -2.16 11.77 4.01
NA HEM C . -0.79 4.39 1.24
NB HEM C . 1.41 2.69 0.52
NC HEM C . 3.04 4.01 2.57
ND HEM C . 0.90 5.85 3.07
FE HEM C . 1.22 4.36 1.69
C1 GOL D . -3.02 -11.61 -13.94
O1 GOL D . -2.20 -11.88 -12.84
C2 GOL D . -2.29 -10.56 -14.82
O2 GOL D . -3.17 -9.87 -15.65
C3 GOL D . -1.22 -11.35 -15.62
O3 GOL D . -0.02 -11.27 -14.90
C1 GOL E . -3.04 -18.01 7.54
O1 GOL E . -3.48 -17.28 8.65
C2 GOL E . -3.35 -17.12 6.30
O2 GOL E . -2.70 -15.90 6.38
C3 GOL E . -2.91 -17.95 5.07
O3 GOL E . -3.29 -17.22 3.94
C1 GOL F . 4.54 -18.98 6.14
O1 GOL F . 4.96 -18.50 7.39
C2 GOL F . 3.61 -17.91 5.50
O2 GOL F . 2.31 -17.99 5.97
C3 GOL F . 3.71 -18.13 3.99
O3 GOL F . 4.69 -17.25 3.53
C1 GOL G . -9.56 -12.39 -12.20
O1 GOL G . -8.68 -13.36 -12.68
C2 GOL G . -8.88 -11.01 -12.34
O2 GOL G . -8.28 -10.84 -13.59
C3 GOL G . -10.02 -9.99 -12.10
O3 GOL G . -9.50 -8.72 -12.37
C1 GOL H . -0.54 -15.02 16.21
O1 GOL H . 0.85 -14.94 16.11
C2 GOL H . -0.91 -16.54 16.28
O2 GOL H . -0.49 -17.24 15.16
C3 GOL H . -2.45 -16.57 16.46
O3 GOL H . -2.89 -17.76 15.86
C1 PEG I . -11.03 -6.67 18.88
O1 PEG I . -11.60 -7.54 17.91
C2 PEG I . -11.57 -5.27 18.75
O2 PEG I . -10.94 -4.43 19.71
C3 PEG I . -11.31 -3.07 19.59
C4 PEG I . -10.55 -2.26 20.60
O4 PEG I . -10.67 -0.86 20.35
#